data_4JZR
#
_entry.id   4JZR
#
_cell.length_a   111.455
_cell.length_b   111.455
_cell.length_c   39.974
_cell.angle_alpha   90.000
_cell.angle_beta   90.000
_cell.angle_gamma   120.000
#
_symmetry.space_group_name_H-M   'P 63'
#
loop_
_entity.id
_entity.type
_entity.pdbx_description
1 polymer 'Egl nine homolog 1'
2 non-polymer 'NICKEL (II) ION'
3 non-polymer 2-(biphenyl-4-yl)-8-[(1-methyl-1H-imidazol-2-yl)methyl]-2,8-diazaspiro[4.5]decan-1-one
4 non-polymer 1,2-ETHANEDIOL
5 water water
#
_entity_poly.entity_id   1
_entity_poly.type   'polypeptide(L)'
_entity_poly.pdbx_seq_one_letter_code
;GSFTMPALKLALEYIVPCMNKHGICVVDDFLGKETGQQIGDEVRALHDTGKFTDGQLVSQKSDSSKDIRGDKITWIEGKE
PGCETIGLLMSSMDDLIRHCNGKLGSYKINGRTKAMVACYPGNGTGYVRHVDNPNGDGRCVTCIYYLNKDWDAKVSGGIL
RIFPEGKAQFADIEPKFDRLLFFWSDRRNPHEVQPAYATRYAITVWYFDADERARA
;
_entity_poly.pdbx_strand_id   A
#
# COMPACT_ATOMS: atom_id res chain seq x y z
N PRO A 6 6.46 -11.05 -14.62
CA PRO A 6 7.53 -12.04 -14.38
C PRO A 6 7.96 -12.14 -12.90
N ALA A 7 7.09 -12.71 -12.05
CA ALA A 7 7.22 -12.61 -10.58
C ALA A 7 8.61 -12.87 -9.98
N LEU A 8 9.15 -14.09 -10.15
CA LEU A 8 10.47 -14.42 -9.56
C LEU A 8 11.57 -13.49 -10.05
N LYS A 9 11.50 -13.11 -11.33
CA LYS A 9 12.53 -12.25 -11.94
C LYS A 9 12.50 -10.85 -11.32
N LEU A 10 11.29 -10.27 -11.28
CA LEU A 10 11.06 -9.01 -10.60
C LEU A 10 11.58 -9.14 -9.17
N ALA A 11 11.22 -10.23 -8.52
CA ALA A 11 11.66 -10.51 -7.15
C ALA A 11 13.18 -10.49 -7.02
N LEU A 12 13.87 -11.34 -7.79
CA LEU A 12 15.32 -11.51 -7.64
C LEU A 12 16.16 -10.34 -8.17
N GLU A 13 15.78 -9.76 -9.30
CA GLU A 13 16.59 -8.69 -9.90
C GLU A 13 16.24 -7.29 -9.42
N TYR A 14 15.03 -7.10 -8.89
CA TYR A 14 14.62 -5.77 -8.49
C TYR A 14 14.22 -5.64 -7.01
N ILE A 15 13.16 -6.33 -6.61
CA ILE A 15 12.58 -6.10 -5.27
C ILE A 15 13.58 -6.40 -4.14
N VAL A 16 14.26 -7.54 -4.20
CA VAL A 16 15.24 -7.90 -3.18
C VAL A 16 16.44 -6.92 -3.10
N PRO A 17 17.12 -6.64 -4.23
CA PRO A 17 18.26 -5.71 -4.08
C PRO A 17 17.88 -4.28 -3.69
N CYS A 18 16.77 -3.79 -4.24
CA CYS A 18 16.32 -2.44 -3.93
C CYS A 18 15.87 -2.31 -2.46
N MET A 19 15.13 -3.28 -1.94
CA MET A 19 14.72 -3.23 -0.53
C MET A 19 15.93 -3.27 0.41
N ASN A 20 16.85 -4.20 0.17
CA ASN A 20 18.03 -4.36 1.01
C ASN A 20 18.96 -3.14 0.98
N LYS A 21 18.92 -2.37 -0.11
CA LYS A 21 19.74 -1.14 -0.24
C LYS A 21 19.02 0.15 0.18
N HIS A 22 17.77 0.32 -0.24
CA HIS A 22 17.02 1.57 0.03
C HIS A 22 15.86 1.40 1.01
N GLY A 23 15.24 0.22 1.03
CA GLY A 23 14.11 -0.05 1.93
C GLY A 23 12.80 0.58 1.48
N ILE A 24 12.79 1.07 0.24
CA ILE A 24 11.63 1.64 -0.45
C ILE A 24 11.73 1.23 -1.92
N CYS A 25 10.69 0.61 -2.49
CA CYS A 25 10.75 0.17 -3.89
C CYS A 25 9.42 0.25 -4.59
N VAL A 26 9.50 0.63 -5.86
CA VAL A 26 8.32 0.94 -6.66
C VAL A 26 8.28 0.06 -7.90
N VAL A 27 7.17 -0.63 -8.15
CA VAL A 27 6.96 -1.38 -9.40
C VAL A 27 5.80 -0.80 -10.17
N ASP A 28 6.10 -0.19 -11.31
CA ASP A 28 5.09 0.36 -12.19
C ASP A 28 4.54 -0.70 -13.15
N ASP A 29 3.26 -0.57 -13.50
CA ASP A 29 2.58 -1.49 -14.40
C ASP A 29 2.65 -2.91 -13.90
N PHE A 30 2.09 -3.11 -12.72
CA PHE A 30 2.31 -4.33 -11.98
C PHE A 30 1.38 -5.43 -12.49
N LEU A 31 0.09 -5.13 -12.60
CA LEU A 31 -0.90 -6.10 -13.07
C LEU A 31 -1.37 -5.83 -14.50
N GLY A 32 -0.96 -4.70 -15.07
CA GLY A 32 -1.54 -4.21 -16.34
C GLY A 32 -2.90 -3.56 -16.21
N LYS A 33 -3.23 -2.76 -17.22
CA LYS A 33 -4.38 -1.85 -17.18
C LYS A 33 -5.75 -2.52 -17.21
N GLU A 34 -5.84 -3.75 -17.72
CA GLU A 34 -7.13 -4.43 -17.80
C GLU A 34 -7.51 -4.99 -16.43
N THR A 35 -6.58 -5.70 -15.79
CA THR A 35 -6.79 -6.19 -14.42
C THR A 35 -6.91 -5.00 -13.45
N GLY A 36 -6.10 -3.97 -13.70
CA GLY A 36 -6.04 -2.77 -12.85
C GLY A 36 -7.35 -1.99 -12.84
N GLN A 37 -7.93 -1.82 -14.03
CA GLN A 37 -9.22 -1.16 -14.19
C GLN A 37 -10.30 -1.93 -13.46
N GLN A 38 -10.23 -3.25 -13.61
CA GLN A 38 -11.17 -4.15 -12.94
CA GLN A 38 -11.17 -4.15 -12.94
C GLN A 38 -11.09 -3.98 -11.41
N ILE A 39 -9.87 -3.84 -10.88
CA ILE A 39 -9.69 -3.60 -9.43
C ILE A 39 -10.31 -2.25 -9.07
N GLY A 40 -9.96 -1.24 -9.86
CA GLY A 40 -10.60 0.07 -9.81
C GLY A 40 -12.11 0.01 -9.73
N ASP A 41 -12.72 -0.76 -10.65
CA ASP A 41 -14.16 -0.92 -10.70
C ASP A 41 -14.70 -1.54 -9.42
N GLU A 42 -14.03 -2.56 -8.92
CA GLU A 42 -14.50 -3.24 -7.71
C GLU A 42 -14.42 -2.31 -6.49
N VAL A 43 -13.31 -1.59 -6.36
CA VAL A 43 -13.15 -0.62 -5.28
C VAL A 43 -14.23 0.46 -5.38
N ARG A 44 -14.47 0.98 -6.58
CA ARG A 44 -15.56 1.95 -6.79
C ARG A 44 -16.93 1.41 -6.41
N ALA A 45 -17.18 0.12 -6.68
CA ALA A 45 -18.46 -0.50 -6.35
C ALA A 45 -18.64 -0.61 -4.85
N LEU A 46 -17.55 -0.93 -4.15
CA LEU A 46 -17.57 -0.93 -2.68
C LEU A 46 -17.85 0.48 -2.15
N HIS A 47 -17.21 1.50 -2.73
CA HIS A 47 -17.52 2.88 -2.38
C HIS A 47 -19.02 3.19 -2.58
N ASP A 48 -19.51 2.96 -3.80
CA ASP A 48 -20.89 3.35 -4.16
C ASP A 48 -21.98 2.55 -3.46
N THR A 49 -21.64 1.33 -3.03
CA THR A 49 -22.56 0.48 -2.29
C THR A 49 -22.39 0.59 -0.76
N GLY A 50 -21.54 1.51 -0.31
CA GLY A 50 -21.45 1.88 1.11
C GLY A 50 -20.67 0.97 2.05
N LYS A 51 -19.67 0.27 1.54
CA LYS A 51 -18.88 -0.67 2.37
C LYS A 51 -17.73 0.01 3.15
N PHE A 52 -17.39 1.23 2.73
CA PHE A 52 -16.35 2.01 3.39
C PHE A 52 -16.89 2.63 4.67
N THR A 53 -15.99 2.88 5.62
CA THR A 53 -16.32 3.71 6.77
C THR A 53 -16.55 5.15 6.30
N ASP A 54 -17.06 6.02 7.18
CA ASP A 54 -17.34 7.42 6.82
C ASP A 54 -16.05 8.26 6.77
N GLY A 55 -15.01 7.79 7.43
CA GLY A 55 -13.65 8.33 7.31
C GLY A 55 -13.04 8.83 8.61
N GLN A 56 -11.71 8.85 8.66
CA GLN A 56 -10.96 9.28 9.85
C GLN A 56 -11.40 10.67 10.36
N LEU A 57 -11.80 10.70 11.63
CA LEU A 57 -12.25 11.93 12.27
C LEU A 57 -11.04 12.83 12.38
N VAL A 58 -11.04 13.84 11.52
CA VAL A 58 -9.94 14.75 11.44
C VAL A 58 -10.17 15.82 12.48
N SER A 59 -11.26 16.56 12.31
CA SER A 59 -11.40 17.71 13.12
C SER A 59 -12.37 17.45 14.27
N ASP A 67 -17.34 19.02 11.78
CA ASP A 67 -16.53 17.80 11.68
C ASP A 67 -16.09 17.53 10.25
N ILE A 68 -14.79 17.41 10.04
CA ILE A 68 -14.25 17.01 8.75
C ILE A 68 -13.69 15.61 8.88
N ARG A 69 -14.02 14.76 7.91
CA ARG A 69 -13.53 13.38 7.90
C ARG A 69 -12.63 13.13 6.70
N GLY A 70 -11.64 12.26 6.90
CA GLY A 70 -10.65 11.94 5.87
C GLY A 70 -10.81 10.56 5.28
N ASP A 71 -9.74 9.78 5.33
CA ASP A 71 -9.68 8.49 4.64
C ASP A 71 -10.72 7.51 5.16
N LYS A 72 -11.53 7.04 4.23
CA LYS A 72 -12.48 5.97 4.42
C LYS A 72 -11.76 4.66 4.17
N ILE A 73 -12.07 3.62 4.93
CA ILE A 73 -11.41 2.32 4.76
C ILE A 73 -12.40 1.17 4.77
N THR A 74 -11.97 0.05 4.22
CA THR A 74 -12.69 -1.20 4.35
C THR A 74 -11.65 -2.32 4.34
N TRP A 75 -11.81 -3.29 5.23
CA TRP A 75 -10.93 -4.46 5.28
C TRP A 75 -11.50 -5.52 4.34
N ILE A 76 -10.65 -6.08 3.48
CA ILE A 76 -11.09 -7.03 2.47
C ILE A 76 -10.29 -8.32 2.56
N GLU A 77 -10.96 -9.41 2.89
CA GLU A 77 -10.30 -10.71 3.00
C GLU A 77 -9.84 -11.24 1.62
N GLY A 78 -10.62 -10.96 0.57
CA GLY A 78 -10.30 -11.41 -0.79
C GLY A 78 -11.31 -12.37 -1.43
N LYS A 79 -12.14 -13.02 -0.61
CA LYS A 79 -13.16 -13.99 -1.09
C LYS A 79 -14.61 -13.43 -1.14
N GLU A 80 -14.78 -12.18 -0.69
CA GLU A 80 -16.11 -11.55 -0.67
C GLU A 80 -16.71 -11.41 -2.09
N PRO A 81 -18.06 -11.44 -2.22
CA PRO A 81 -18.65 -11.21 -3.54
C PRO A 81 -18.32 -9.83 -4.04
N GLY A 82 -17.99 -9.72 -5.32
CA GLY A 82 -17.58 -8.44 -5.86
C GLY A 82 -16.16 -8.00 -5.55
N CYS A 83 -15.36 -8.81 -4.85
CA CYS A 83 -13.95 -8.45 -4.59
C CYS A 83 -12.98 -9.50 -5.12
N GLU A 84 -13.33 -10.11 -6.25
CA GLU A 84 -12.53 -11.22 -6.78
C GLU A 84 -11.18 -10.78 -7.32
N THR A 85 -11.15 -9.65 -8.01
CA THR A 85 -9.91 -9.20 -8.62
C THR A 85 -8.99 -8.57 -7.57
N ILE A 86 -9.58 -8.05 -6.50
CA ILE A 86 -8.82 -7.59 -5.33
C ILE A 86 -8.13 -8.83 -4.77
N GLY A 87 -8.90 -9.92 -4.70
CA GLY A 87 -8.40 -11.25 -4.30
C GLY A 87 -7.24 -11.67 -5.16
N LEU A 88 -7.37 -11.43 -6.45
CA LEU A 88 -6.33 -11.72 -7.41
C LEU A 88 -5.09 -10.86 -7.17
N LEU A 89 -5.29 -9.56 -6.92
CA LEU A 89 -4.17 -8.68 -6.57
C LEU A 89 -3.43 -9.22 -5.35
N MET A 90 -4.20 -9.62 -4.34
CA MET A 90 -3.60 -10.11 -3.10
C MET A 90 -2.77 -11.38 -3.35
N SER A 91 -3.37 -12.37 -4.01
CA SER A 91 -2.64 -13.56 -4.42
C SER A 91 -1.35 -13.20 -5.17
N SER A 92 -1.39 -12.17 -5.99
CA SER A 92 -0.21 -11.79 -6.77
C SER A 92 0.83 -11.04 -5.93
N MET A 93 0.39 -10.30 -4.92
CA MET A 93 1.35 -9.71 -3.98
C MET A 93 2.02 -10.84 -3.21
N ASP A 94 1.19 -11.79 -2.79
CA ASP A 94 1.66 -12.96 -2.05
C ASP A 94 2.72 -13.75 -2.85
N ASP A 95 2.45 -13.98 -4.13
CA ASP A 95 3.46 -14.59 -5.05
C ASP A 95 4.79 -13.81 -5.10
N LEU A 96 4.75 -12.48 -5.21
CA LEU A 96 6.00 -11.69 -5.25
C LEU A 96 6.85 -11.92 -4.02
N ILE A 97 6.22 -11.80 -2.86
CA ILE A 97 6.92 -11.91 -1.59
C ILE A 97 7.51 -13.30 -1.42
N ARG A 98 6.70 -14.31 -1.71
CA ARG A 98 7.14 -15.71 -1.64
C ARG A 98 8.36 -15.96 -2.52
N HIS A 99 8.32 -15.46 -3.76
CA HIS A 99 9.45 -15.61 -4.69
C HIS A 99 10.67 -14.74 -4.30
N CYS A 100 10.55 -13.97 -3.21
CA CYS A 100 11.70 -13.28 -2.61
C CYS A 100 12.48 -14.22 -1.70
N ASN A 101 11.94 -15.43 -1.50
CA ASN A 101 12.54 -16.42 -0.58
C ASN A 101 12.63 -15.78 0.81
N GLY A 102 13.76 -15.92 1.50
CA GLY A 102 13.95 -15.21 2.74
C GLY A 102 15.00 -14.14 2.62
N LYS A 103 15.03 -13.43 1.49
CA LYS A 103 16.13 -12.52 1.17
C LYS A 103 15.87 -11.03 1.47
N LEU A 104 14.66 -10.71 1.92
CA LEU A 104 14.35 -9.37 2.42
C LEU A 104 14.85 -9.29 3.86
N GLY A 105 15.95 -8.59 4.06
CA GLY A 105 16.62 -8.53 5.35
C GLY A 105 16.98 -9.94 5.77
N SER A 106 16.83 -10.23 7.06
CA SER A 106 16.89 -11.62 7.55
C SER A 106 15.51 -12.04 8.05
N TYR A 107 14.48 -11.43 7.49
CA TYR A 107 13.12 -11.74 7.84
C TYR A 107 12.69 -13.04 7.21
N LYS A 108 11.76 -13.68 7.88
CA LYS A 108 11.10 -14.86 7.37
C LYS A 108 9.62 -14.53 7.38
N ILE A 109 9.10 -14.22 6.20
CA ILE A 109 7.75 -13.71 6.06
C ILE A 109 6.79 -14.87 5.98
N ASN A 110 5.93 -15.01 6.98
CA ASN A 110 5.05 -16.16 7.00
C ASN A 110 3.54 -15.85 7.00
N GLY A 111 3.15 -14.58 7.01
CA GLY A 111 1.74 -14.22 6.97
C GLY A 111 1.59 -12.77 6.57
N ARG A 112 0.35 -12.34 6.48
CA ARG A 112 0.05 -10.96 6.19
C ARG A 112 -1.34 -10.64 6.73
N THR A 113 -1.68 -9.36 6.70
CA THR A 113 -2.99 -8.87 7.12
C THR A 113 -3.93 -9.08 5.97
N LYS A 114 -5.21 -8.86 6.19
CA LYS A 114 -6.16 -8.67 5.12
C LYS A 114 -5.79 -7.38 4.37
N ALA A 115 -6.50 -7.08 3.30
CA ALA A 115 -6.21 -5.90 2.50
C ALA A 115 -6.98 -4.74 3.10
N MET A 116 -6.29 -3.63 3.34
CA MET A 116 -6.95 -2.38 3.75
C MET A 116 -7.09 -1.50 2.52
N VAL A 117 -8.32 -1.31 2.09
CA VAL A 117 -8.60 -0.43 0.98
C VAL A 117 -8.89 0.97 1.55
N ALA A 118 -8.12 1.98 1.15
CA ALA A 118 -8.34 3.36 1.62
C ALA A 118 -8.85 4.24 0.48
N CYS A 119 -9.73 5.17 0.83
CA CYS A 119 -10.29 6.12 -0.13
C CYS A 119 -10.27 7.52 0.49
N TYR A 120 -9.41 8.38 -0.03
CA TYR A 120 -9.43 9.81 0.33
C TYR A 120 -10.49 10.47 -0.52
N PRO A 121 -11.45 11.15 0.12
CA PRO A 121 -12.61 11.67 -0.60
C PRO A 121 -12.39 12.88 -1.50
N GLY A 122 -11.22 13.50 -1.46
CA GLY A 122 -10.94 14.66 -2.31
C GLY A 122 -11.26 16.02 -1.68
N ASN A 123 -11.44 16.05 -0.37
CA ASN A 123 -11.81 17.28 0.37
C ASN A 123 -10.63 17.95 1.08
N GLY A 124 -9.42 17.75 0.55
CA GLY A 124 -8.23 18.34 1.11
C GLY A 124 -7.65 17.63 2.32
N THR A 125 -8.23 16.51 2.74
CA THR A 125 -7.62 15.72 3.81
C THR A 125 -6.44 14.91 3.30
N GLY A 126 -5.48 14.69 4.19
CA GLY A 126 -4.45 13.68 4.00
C GLY A 126 -4.30 12.82 5.24
N TYR A 127 -3.05 12.47 5.55
CA TYR A 127 -2.78 11.59 6.68
C TYR A 127 -1.50 12.07 7.32
N VAL A 128 -1.56 12.30 8.64
CA VAL A 128 -0.42 12.84 9.38
C VAL A 128 0.77 11.89 9.34
N ARG A 129 1.95 12.47 9.50
CA ARG A 129 3.18 11.72 9.59
C ARG A 129 3.10 10.64 10.68
N HIS A 130 3.56 9.43 10.37
CA HIS A 130 3.50 8.33 11.32
C HIS A 130 4.43 7.23 10.87
N VAL A 131 4.59 6.26 11.75
CA VAL A 131 5.29 5.02 11.46
C VAL A 131 4.26 3.90 11.53
N ASP A 132 4.25 2.99 10.54
CA ASP A 132 3.21 1.96 10.53
C ASP A 132 3.31 1.05 11.74
N ASN A 133 4.52 0.59 12.01
CA ASN A 133 4.79 -0.34 13.11
C ASN A 133 5.91 0.21 14.00
N PRO A 134 5.59 1.13 14.92
CA PRO A 134 6.65 1.66 15.78
C PRO A 134 7.02 0.79 17.00
N ASN A 135 6.13 -0.13 17.38
CA ASN A 135 6.25 -0.86 18.65
C ASN A 135 6.37 -2.38 18.51
N GLY A 136 6.88 -2.85 17.38
CA GLY A 136 7.23 -4.27 17.24
C GLY A 136 6.05 -5.22 17.16
N ASP A 137 5.04 -4.88 16.37
CA ASP A 137 3.84 -5.71 16.32
C ASP A 137 3.90 -6.89 15.33
N GLY A 138 5.04 -7.09 14.67
CA GLY A 138 5.15 -8.20 13.72
C GLY A 138 5.29 -7.79 12.28
N ARG A 139 4.78 -6.62 11.93
CA ARG A 139 4.75 -6.17 10.54
C ARG A 139 6.09 -5.64 10.09
N CYS A 140 6.69 -6.29 9.10
CA CYS A 140 8.02 -5.90 8.60
C CYS A 140 7.98 -5.15 7.26
N VAL A 141 6.97 -5.41 6.42
CA VAL A 141 6.91 -4.78 5.10
C VAL A 141 5.50 -4.26 4.81
N THR A 142 5.41 -3.02 4.34
CA THR A 142 4.16 -2.42 3.91
C THR A 142 4.09 -2.54 2.39
N CYS A 143 2.97 -3.04 1.88
CA CYS A 143 2.79 -3.18 0.43
C CYS A 143 1.54 -2.43 0.01
N ILE A 144 1.71 -1.45 -0.88
CA ILE A 144 0.60 -0.61 -1.32
C ILE A 144 0.38 -0.67 -2.83
N TYR A 145 -0.85 -0.87 -3.25
CA TYR A 145 -1.21 -0.85 -4.67
C TYR A 145 -2.09 0.35 -4.97
N TYR A 146 -1.67 1.19 -5.92
CA TYR A 146 -2.44 2.37 -6.28
C TYR A 146 -3.29 2.16 -7.54
N LEU A 147 -4.42 2.86 -7.59
CA LEU A 147 -5.45 2.65 -8.61
C LEU A 147 -5.91 3.93 -9.31
N ASN A 148 -5.16 5.02 -9.26
CA ASN A 148 -5.72 6.30 -9.68
C ASN A 148 -5.26 6.71 -11.09
N LYS A 149 -6.18 6.61 -12.05
CA LYS A 149 -5.90 6.87 -13.47
C LYS A 149 -5.51 8.32 -13.68
N ASP A 150 -4.49 8.59 -14.47
CA ASP A 150 -4.13 9.98 -14.82
C ASP A 150 -4.01 10.88 -13.58
N TRP A 151 -3.45 10.34 -12.49
CA TRP A 151 -3.22 11.17 -11.31
C TRP A 151 -2.15 12.18 -11.60
N ASP A 152 -2.48 13.43 -11.34
CA ASP A 152 -1.54 14.54 -11.49
C ASP A 152 -1.41 15.20 -10.13
N ALA A 153 -0.27 14.95 -9.48
CA ALA A 153 -0.04 15.37 -8.08
C ALA A 153 0.09 16.88 -7.99
N LYS A 154 0.53 17.48 -9.08
CA LYS A 154 0.60 18.93 -9.20
C LYS A 154 -0.79 19.57 -9.06
N VAL A 155 -1.83 18.85 -9.51
CA VAL A 155 -3.21 19.35 -9.50
C VAL A 155 -4.11 18.78 -8.39
N SER A 156 -3.87 17.52 -8.02
CA SER A 156 -4.77 16.82 -7.10
C SER A 156 -4.13 16.49 -5.75
N GLY A 157 -2.83 16.71 -5.62
CA GLY A 157 -2.11 16.47 -4.39
C GLY A 157 -1.96 14.98 -4.11
N GLY A 158 -1.96 14.63 -2.82
CA GLY A 158 -2.06 13.22 -2.41
C GLY A 158 -0.78 12.42 -2.60
N ILE A 159 0.35 13.10 -2.66
CA ILE A 159 1.63 12.41 -2.70
C ILE A 159 1.86 11.69 -1.37
N LEU A 160 2.41 10.48 -1.43
CA LEU A 160 2.89 9.82 -0.22
C LEU A 160 4.31 10.25 -0.04
N ARG A 161 4.59 10.92 1.07
CA ARG A 161 5.93 11.38 1.35
C ARG A 161 6.54 10.59 2.51
N ILE A 162 7.66 9.95 2.21
CA ILE A 162 8.40 9.16 3.16
C ILE A 162 9.65 9.95 3.57
N PHE A 163 10.01 9.83 4.85
CA PHE A 163 11.14 10.54 5.42
C PHE A 163 12.20 9.57 5.92
N PRO A 164 12.93 8.90 5.01
CA PRO A 164 13.78 7.81 5.52
C PRO A 164 14.69 8.22 6.67
N GLU A 165 14.79 7.36 7.66
CA GLU A 165 15.53 7.69 8.87
C GLU A 165 16.96 8.03 8.53
N GLY A 166 17.48 9.08 9.17
CA GLY A 166 18.87 9.45 8.99
C GLY A 166 19.22 10.12 7.68
N LYS A 167 18.25 10.37 6.81
CA LYS A 167 18.54 11.12 5.58
C LYS A 167 18.00 12.53 5.69
N ALA A 168 18.70 13.45 5.04
CA ALA A 168 18.21 14.80 4.87
C ALA A 168 17.57 14.87 3.50
N GLN A 169 16.57 14.02 3.27
CA GLN A 169 15.72 14.16 2.11
C GLN A 169 14.39 13.41 2.21
N PHE A 170 13.47 13.84 1.35
CA PHE A 170 12.14 13.27 1.23
C PHE A 170 12.21 12.22 0.13
N ALA A 171 11.31 11.25 0.17
CA ALA A 171 11.02 10.42 -1.00
C ALA A 171 9.53 10.56 -1.28
N ASP A 172 9.20 11.31 -2.32
CA ASP A 172 7.80 11.58 -2.68
C ASP A 172 7.30 10.56 -3.70
N ILE A 173 6.27 9.80 -3.34
CA ILE A 173 5.70 8.78 -4.24
C ILE A 173 4.30 9.18 -4.70
N GLU A 174 4.10 9.30 -6.02
CA GLU A 174 2.78 9.63 -6.57
C GLU A 174 1.93 8.38 -6.56
N PRO A 175 0.64 8.50 -6.23
CA PRO A 175 -0.23 7.34 -6.16
C PRO A 175 -0.74 6.89 -7.54
N LYS A 176 0.18 6.59 -8.46
CA LYS A 176 -0.13 6.31 -9.86
C LYS A 176 -0.86 4.98 -10.06
N PHE A 177 -1.79 4.99 -11.00
CA PHE A 177 -2.47 3.78 -11.44
C PHE A 177 -1.51 2.60 -11.69
N ASP A 178 -1.91 1.42 -11.21
CA ASP A 178 -1.17 0.15 -11.36
C ASP A 178 0.25 0.18 -10.80
N ARG A 179 0.51 1.08 -9.85
CA ARG A 179 1.82 1.10 -9.20
C ARG A 179 1.77 0.30 -7.91
N LEU A 180 2.85 -0.42 -7.62
CA LEU A 180 2.96 -1.18 -6.38
C LEU A 180 4.15 -0.62 -5.65
N LEU A 181 4.01 -0.42 -4.34
CA LEU A 181 5.06 0.15 -3.49
C LEU A 181 5.38 -0.79 -2.35
N PHE A 182 6.66 -1.00 -2.06
CA PHE A 182 7.07 -1.70 -0.84
C PHE A 182 7.92 -0.77 -0.03
N PHE A 183 7.74 -0.82 1.28
CA PHE A 183 8.67 -0.20 2.21
C PHE A 183 8.64 -0.87 3.56
N TRP A 184 9.76 -0.74 4.29
CA TRP A 184 9.87 -1.30 5.62
C TRP A 184 8.86 -0.60 6.52
N SER A 185 8.08 -1.39 7.25
CA SER A 185 7.00 -0.88 8.10
C SER A 185 7.45 -0.15 9.38
N ASP A 186 8.67 -0.39 9.83
CA ASP A 186 9.13 0.10 11.13
C ASP A 186 9.66 1.53 11.04
N ARG A 187 10.39 1.97 12.07
CA ARG A 187 10.84 3.35 12.16
C ARG A 187 11.77 3.84 11.06
N ARG A 188 12.27 2.94 10.21
CA ARG A 188 13.07 3.37 9.06
C ARG A 188 12.28 4.26 8.10
N ASN A 189 10.95 4.18 8.11
CA ASN A 189 10.16 4.87 7.10
C ASN A 189 8.95 5.60 7.64
N PRO A 190 9.17 6.68 8.42
CA PRO A 190 8.03 7.55 8.69
C PRO A 190 7.48 8.10 7.38
N HIS A 191 6.16 8.24 7.29
CA HIS A 191 5.55 8.74 6.05
C HIS A 191 4.28 9.51 6.34
N GLU A 192 3.84 10.28 5.35
CA GLU A 192 2.59 11.01 5.45
C GLU A 192 1.93 11.07 4.09
N VAL A 193 0.62 11.26 4.06
CA VAL A 193 -0.06 11.51 2.81
C VAL A 193 -0.42 12.99 2.77
N GLN A 194 0.13 13.73 1.80
CA GLN A 194 -0.17 15.16 1.66
C GLN A 194 -1.62 15.36 1.20
N PRO A 195 -2.21 16.53 1.47
CA PRO A 195 -3.61 16.78 1.15
C PRO A 195 -4.02 16.35 -0.25
N ALA A 196 -5.17 15.69 -0.36
CA ALA A 196 -5.66 15.18 -1.64
C ALA A 196 -6.92 15.93 -2.01
N TYR A 197 -6.93 16.48 -3.23
CA TYR A 197 -8.06 17.27 -3.73
C TYR A 197 -8.84 16.52 -4.82
N ALA A 198 -8.57 15.22 -4.96
CA ALA A 198 -9.35 14.33 -5.83
C ALA A 198 -9.49 12.98 -5.13
N THR A 199 -10.50 12.21 -5.51
CA THR A 199 -10.75 10.89 -4.92
C THR A 199 -9.53 10.02 -5.17
N ARG A 200 -8.92 9.52 -4.10
CA ARG A 200 -7.65 8.81 -4.18
C ARG A 200 -7.82 7.45 -3.52
N TYR A 201 -7.55 6.39 -4.27
CA TYR A 201 -7.71 5.01 -3.80
C TYR A 201 -6.36 4.31 -3.71
N ALA A 202 -6.20 3.50 -2.68
CA ALA A 202 -5.01 2.68 -2.49
C ALA A 202 -5.41 1.43 -1.74
N ILE A 203 -4.68 0.34 -1.96
CA ILE A 203 -4.91 -0.91 -1.25
C ILE A 203 -3.62 -1.32 -0.59
N THR A 204 -3.65 -1.51 0.72
CA THR A 204 -2.44 -1.83 1.47
C THR A 204 -2.54 -3.21 2.10
N VAL A 205 -1.41 -3.92 2.14
CA VAL A 205 -1.28 -5.18 2.88
C VAL A 205 0.03 -5.07 3.66
N TRP A 206 0.08 -5.66 4.85
CA TRP A 206 1.33 -5.72 5.64
C TRP A 206 1.76 -7.17 5.81
N TYR A 207 3.04 -7.44 5.60
CA TYR A 207 3.63 -8.78 5.77
C TYR A 207 4.32 -8.87 7.13
N PHE A 208 4.13 -10.00 7.78
CA PHE A 208 4.61 -10.26 9.13
C PHE A 208 5.92 -11.02 9.07
N ASP A 209 6.85 -10.67 9.95
CA ASP A 209 8.02 -11.50 10.19
C ASP A 209 7.66 -12.52 11.26
N ALA A 210 7.97 -13.79 11.01
CA ALA A 210 7.58 -14.87 11.90
C ALA A 210 8.08 -14.62 13.32
N ASP A 211 9.34 -14.24 13.46
CA ASP A 211 9.89 -14.10 14.79
C ASP A 211 9.27 -12.92 15.54
N GLU A 212 9.24 -11.75 14.91
CA GLU A 212 8.69 -10.56 15.56
C GLU A 212 7.23 -10.79 15.94
N ARG A 213 6.50 -11.45 15.06
CA ARG A 213 5.10 -11.76 15.32
C ARG A 213 4.85 -12.86 16.37
N ALA A 214 5.63 -13.95 16.36
CA ALA A 214 5.42 -15.07 17.34
C ALA A 214 5.47 -14.53 18.77
N ARG A 215 6.16 -13.42 18.80
CA ARG A 215 6.69 -12.78 19.95
C ARG A 215 5.99 -11.47 20.33
N ALA A 216 5.05 -10.98 19.51
CA ALA A 216 4.34 -9.73 19.86
C ALA A 216 3.41 -9.95 21.05
#